data_4XIU
#
_entry.id   4XIU
#
_cell.length_a   110.030
_cell.length_b   110.030
_cell.length_c   90.670
_cell.angle_alpha   90.000
_cell.angle_beta   90.000
_cell.angle_gamma   120.000
#
_symmetry.space_group_name_H-M   'P 31 2 1'
#
loop_
_entity.id
_entity.type
_entity.pdbx_description
1 polymer 'Synthetic oligonucleotide primer strand'
2 polymer 'Synthetic oligonucleotide template strand'
3 polymer 'DNA polymerase I, thermostable'
4 non-polymer 'MAGNESIUM ION'
5 water water
#
loop_
_entity_poly.entity_id
_entity_poly.type
_entity_poly.pdbx_seq_one_letter_code
_entity_poly.pdbx_strand_id
1 'polydeoxyribonucleotide' (DG)(DA)(DC)(DC)(DA)(DC)(DG)(DG)(DC)(DG)(DC)(DOC) B
2 'polydeoxyribonucleotide' (DT)(DG)(DG)(DG)(DC)(DG)(DC)(DC)(DG)(DT)(DG)(DG)(DT)(DC) C
3 'polypeptide(L)'
;LEEAPWPPPEGAFVGFVLSRKEPMWADLLALAAARGGRVHRAPEPYKALRDLKEARGLLAKDLSVLALREGLGLPPGDDP
MLLAYLLDPSNTTPEGVARRYGGEWTEEAGERAALSERLFANLWGRLEGEERLLWLYREVERPLSAVLAHMEATGVRLDV
AYLRALSLEVAEEIARLEAEVFRLAGHPFNLNSRDQLERVLFDELGLPAIGKTEKTGKRSTSAAVLEALREAHPIVEKIL
QYRELTKLKSTYIDPLPDLIHPRTGRLHTRFNQTATATGRLSSSDPNLQNIPVRTPLGQRIRRAFIAEEGWLLVALDYSQ
IELRVLAHLSGDENLIRVFQEGRDIHTETASWMFGVPREAVDPLMRRAAKTINFGVLYGMSAHRLSQELAIPYEEAQAFI
ERYFQSFPKVRAWLEKTLEEGRRRGYVETLFGRRRYVPDLEARVKSVREAAERMAFNMPVQGTAADLMKLAMVKLFPRLE
EMGARMLLQVHDELVLEAPKERAEAVARLAKEVMEGVYPLAVPLEVEVGIGEDWLSAKE
;
A
#
loop_
_chem_comp.id
_chem_comp.type
_chem_comp.name
_chem_comp.formula
DA DNA linking 2'-DEOXYADENOSINE-5'-MONOPHOSPHATE 'C10 H14 N5 O6 P'
DC DNA linking 2'-DEOXYCYTIDINE-5'-MONOPHOSPHATE 'C9 H14 N3 O7 P'
DG DNA linking 2'-DEOXYGUANOSINE-5'-MONOPHOSPHATE 'C10 H14 N5 O7 P'
DOC DNA linking 2',3'-DIDEOXYCYTIDINE-5'-MONOPHOSPHATE 'C9 H14 N3 O6 P'
DT DNA linking THYMIDINE-5'-MONOPHOSPHATE 'C10 H15 N2 O8 P'
MG non-polymer 'MAGNESIUM ION' 'Mg 2'
#
# COMPACT_ATOMS: atom_id res chain seq x y z
N1 DOC A 12 -0.97 -0.63 -7.13
C2 DOC A 12 -1.82 0.45 -6.86
N3 DOC A 12 -1.83 1.54 -7.66
C4 DOC A 12 -1.00 1.61 -8.73
C5 DOC A 12 -0.14 0.56 -9.02
C6 DOC A 12 -0.14 -0.57 -8.19
O2 DOC A 12 -2.59 0.40 -5.87
N4 DOC A 12 -1.02 2.73 -9.50
C1' DOC A 12 -0.96 -1.79 -6.23
C2' DOC A 12 -1.70 -2.98 -6.83
C3' DOC A 12 -0.59 -3.82 -7.43
C4' DOC A 12 0.61 -3.47 -6.53
O4' DOC A 12 0.44 -2.12 -6.07
C5' DOC A 12 1.93 -3.69 -7.22
O5' DOC A 12 1.92 -3.01 -8.46
P DOC A 12 3.13 -3.20 -9.49
OP1 DOC A 12 3.71 -4.57 -9.35
OP2 DOC A 12 2.77 -2.66 -10.85
N LEU C 1 -1.73 10.62 40.15
CA LEU C 1 -0.72 9.81 39.39
C LEU C 1 0.42 9.40 40.31
N GLU C 2 0.18 8.37 41.12
CA GLU C 2 1.16 7.90 42.12
C GLU C 2 2.25 7.06 41.46
N GLU C 3 3.50 7.30 41.84
CA GLU C 3 4.66 6.62 41.26
C GLU C 3 5.01 5.37 42.04
N ALA C 4 4.80 4.21 41.41
CA ALA C 4 5.28 2.93 41.95
C ALA C 4 6.63 2.56 41.32
N PRO C 5 7.54 1.91 42.11
CA PRO C 5 8.77 1.39 41.53
C PRO C 5 8.50 0.43 40.36
N TRP C 6 9.50 0.23 39.52
CA TRP C 6 9.29 -0.23 38.13
C TRP C 6 8.42 -1.48 37.97
N PRO C 7 8.87 -2.65 38.48
CA PRO C 7 8.16 -3.88 38.08
C PRO C 7 6.62 -3.67 38.11
N PRO C 8 5.99 -3.55 36.92
CA PRO C 8 4.58 -3.15 36.89
C PRO C 8 3.63 -4.34 36.97
N PRO C 9 2.40 -4.09 37.48
CA PRO C 9 1.41 -5.16 37.54
C PRO C 9 1.11 -5.69 36.15
N GLU C 10 0.76 -6.98 36.07
CA GLU C 10 0.49 -7.63 34.79
C GLU C 10 -0.61 -6.91 33.99
N GLY C 11 -0.45 -6.88 32.67
CA GLY C 11 -1.43 -6.29 31.77
C GLY C 11 -1.45 -4.77 31.73
N ALA C 12 -0.32 -4.14 32.02
CA ALA C 12 -0.26 -2.68 32.11
C ALA C 12 -0.06 -2.04 30.74
N PHE C 13 -0.29 -0.72 30.69
CA PHE C 13 -0.16 0.09 29.47
C PHE C 13 1.19 0.76 29.31
N VAL C 14 1.90 0.39 28.26
CA VAL C 14 3.29 0.75 28.08
C VAL C 14 3.40 2.15 27.46
N GLY C 15 4.46 2.86 27.80
CA GLY C 15 4.73 4.18 27.22
C GLY C 15 6.23 4.38 27.02
N PHE C 16 6.65 4.48 25.77
CA PHE C 16 8.07 4.40 25.44
C PHE C 16 8.55 5.54 24.56
N VAL C 17 9.84 5.85 24.67
CA VAL C 17 10.45 6.86 23.84
C VAL C 17 11.64 6.24 23.08
N LEU C 18 11.72 6.60 21.81
CA LEU C 18 12.72 6.11 20.89
C LEU C 18 13.50 7.33 20.41
N SER C 19 14.79 7.16 20.12
CA SER C 19 15.59 8.26 19.59
C SER C 19 15.15 8.64 18.18
N ARG C 20 14.54 7.68 17.47
CA ARG C 20 13.97 7.92 16.15
C ARG C 20 12.76 7.01 15.88
N LYS C 21 11.91 7.43 14.96
CA LYS C 21 10.64 6.71 14.70
C LYS C 21 10.82 5.27 14.24
N GLU C 22 11.92 4.95 13.56
CA GLU C 22 12.13 3.60 13.03
C GLU C 22 12.54 2.65 14.15
N PRO C 23 11.67 1.74 14.58
CA PRO C 23 12.03 0.86 15.69
C PRO C 23 13.32 0.07 15.50
N MET C 24 13.61 -0.33 14.25
CA MET C 24 14.78 -1.18 13.95
C MET C 24 16.11 -0.44 14.07
N TRP C 25 16.04 0.88 13.99
CA TRP C 25 17.19 1.75 14.12
C TRP C 25 17.22 2.57 15.41
N ALA C 26 16.20 2.41 16.25
CA ALA C 26 16.05 3.25 17.42
C ALA C 26 16.75 2.67 18.65
N ASP C 27 17.18 3.58 19.51
CA ASP C 27 17.60 3.30 20.86
C ASP C 27 16.37 3.49 21.76
N LEU C 28 16.18 2.55 22.70
CA LEU C 28 15.14 2.67 23.72
C LEU C 28 15.57 3.67 24.77
N LEU C 29 15.12 4.92 24.65
CA LEU C 29 15.45 5.96 25.61
C LEU C 29 14.67 5.83 26.93
N ALA C 30 13.40 5.40 26.88
CA ALA C 30 12.60 5.31 28.12
C ALA C 30 11.43 4.33 28.04
N LEU C 31 11.09 3.82 29.21
CA LEU C 31 10.06 2.80 29.35
C LEU C 31 9.18 3.10 30.58
N ALA C 32 7.86 2.93 30.41
CA ALA C 32 6.90 3.07 31.49
C ALA C 32 5.73 2.09 31.30
N ALA C 33 4.85 2.07 32.30
CA ALA C 33 3.63 1.27 32.24
C ALA C 33 2.58 1.83 33.21
N ALA C 34 1.30 1.61 32.92
CA ALA C 34 0.23 2.23 33.68
C ALA C 34 -0.99 1.32 33.83
N ARG C 35 -1.47 1.19 35.07
CA ARG C 35 -2.60 0.32 35.41
C ARG C 35 -3.30 0.80 36.68
N GLY C 36 -4.59 1.16 36.53
CA GLY C 36 -5.32 1.89 37.56
C GLY C 36 -5.09 3.38 37.35
N GLY C 37 -4.29 3.97 38.23
CA GLY C 37 -3.84 5.35 38.08
C GLY C 37 -2.44 5.43 38.65
N ARG C 38 -1.57 4.57 38.13
CA ARG C 38 -0.22 4.40 38.68
C ARG C 38 0.80 4.36 37.55
N VAL C 39 1.93 5.05 37.74
CA VAL C 39 2.94 5.23 36.70
C VAL C 39 4.19 4.47 37.10
N HIS C 40 4.52 3.42 36.36
CA HIS C 40 5.72 2.64 36.64
C HIS C 40 6.83 2.94 35.64
N ARG C 41 7.78 3.79 36.04
CA ARG C 41 8.85 4.24 35.17
C ARG C 41 10.13 3.41 35.31
N ALA C 42 10.45 2.63 34.27
CA ALA C 42 11.69 1.85 34.20
C ALA C 42 12.97 2.67 34.41
N PRO C 43 13.85 2.25 35.35
CA PRO C 43 15.17 2.89 35.47
C PRO C 43 16.14 2.50 34.34
N GLU C 44 16.06 1.24 33.87
CA GLU C 44 16.93 0.71 32.82
C GLU C 44 16.09 0.10 31.69
N PRO C 45 15.76 0.90 30.66
CA PRO C 45 14.80 0.54 29.60
C PRO C 45 14.98 -0.82 28.94
N TYR C 46 16.17 -1.12 28.41
CA TYR C 46 16.40 -2.41 27.75
C TYR C 46 16.31 -3.56 28.76
N LYS C 47 16.76 -3.30 29.99
CA LYS C 47 16.65 -4.29 31.06
C LYS C 47 15.16 -4.47 31.37
N ALA C 48 14.47 -3.33 31.52
CA ALA C 48 13.04 -3.30 31.85
C ALA C 48 12.19 -4.02 30.81
N LEU C 49 12.61 -3.98 29.55
CA LEU C 49 11.96 -4.73 28.45
C LEU C 49 11.76 -6.22 28.71
N ARG C 50 12.65 -6.82 29.50
CA ARG C 50 12.57 -8.26 29.82
C ARG C 50 11.33 -8.60 30.65
N ASP C 51 10.86 -7.65 31.46
CA ASP C 51 9.77 -7.90 32.43
C ASP C 51 8.33 -7.89 31.85
N LEU C 52 8.16 -7.48 30.60
CA LEU C 52 6.83 -7.43 29.97
C LEU C 52 6.40 -8.75 29.35
N LYS C 53 5.11 -9.02 29.37
CA LYS C 53 4.54 -10.23 28.77
C LYS C 53 4.12 -10.00 27.31
N GLU C 54 3.58 -8.81 27.06
CA GLU C 54 3.16 -8.37 25.74
C GLU C 54 3.17 -6.84 25.75
N ALA C 55 3.41 -6.23 24.59
CA ALA C 55 3.27 -4.79 24.47
C ALA C 55 1.80 -4.35 24.23
N ARG C 56 1.37 -3.33 24.95
CA ARG C 56 -0.01 -2.94 25.05
C ARG C 56 -0.03 -1.44 25.26
N GLY C 57 -0.40 -0.70 24.22
CA GLY C 57 -0.31 0.76 24.25
C GLY C 57 -0.26 1.31 22.83
N LEU C 58 -0.19 2.62 22.71
CA LEU C 58 0.01 3.27 21.43
C LEU C 58 1.34 2.80 20.83
N LEU C 59 1.30 2.36 19.57
CA LEU C 59 2.48 1.91 18.83
C LEU C 59 3.04 0.60 19.36
N ALA C 60 2.17 -0.25 19.88
CA ALA C 60 2.57 -1.54 20.43
C ALA C 60 3.48 -2.31 19.49
N LYS C 61 3.15 -2.31 18.20
CA LYS C 61 3.91 -3.04 17.17
C LYS C 61 5.38 -2.59 17.11
N ASP C 62 5.60 -1.28 17.21
CA ASP C 62 6.95 -0.70 17.24
C ASP C 62 7.82 -1.31 18.36
N LEU C 63 7.31 -1.29 19.59
CA LEU C 63 8.04 -1.84 20.72
C LEU C 63 8.30 -3.31 20.49
N SER C 64 7.33 -4.03 19.92
CA SER C 64 7.51 -5.47 19.65
C SER C 64 8.59 -5.68 18.60
N VAL C 65 8.76 -4.72 17.71
CA VAL C 65 9.77 -4.80 16.66
C VAL C 65 11.16 -4.61 17.27
N LEU C 66 11.31 -3.64 18.16
CA LEU C 66 12.60 -3.37 18.76
C LEU C 66 13.01 -4.48 19.69
N ALA C 67 12.02 -5.04 20.36
CA ALA C 67 12.19 -6.17 21.23
C ALA C 67 12.68 -7.32 20.40
N LEU C 68 12.14 -7.47 19.20
CA LEU C 68 12.54 -8.58 18.34
C LEU C 68 13.98 -8.48 17.84
N ARG C 69 14.44 -7.28 17.44
CA ARG C 69 15.85 -7.20 17.00
C ARG C 69 16.75 -7.55 18.17
N GLU C 70 16.32 -7.23 19.40
CA GLU C 70 17.08 -7.54 20.62
C GLU C 70 16.93 -9.00 21.06
N GLY C 71 16.42 -9.86 20.19
CA GLY C 71 16.17 -11.25 20.55
C GLY C 71 14.88 -11.52 21.33
N LEU C 72 14.37 -10.56 22.10
CA LEU C 72 13.15 -10.75 22.90
C LEU C 72 11.90 -10.93 22.03
N GLY C 73 11.12 -11.98 22.32
CA GLY C 73 9.81 -12.21 21.69
C GLY C 73 8.88 -11.02 21.85
N LEU C 74 8.08 -10.99 22.91
CA LEU C 74 7.20 -9.85 23.21
C LEU C 74 6.28 -9.46 22.01
N PRO C 75 5.06 -10.00 21.97
CA PRO C 75 4.14 -9.58 20.93
C PRO C 75 3.42 -8.30 21.29
N PRO C 76 2.76 -7.66 20.30
CA PRO C 76 1.88 -6.52 20.54
C PRO C 76 0.44 -6.97 20.76
N GLY C 77 -0.29 -6.22 21.57
CA GLY C 77 -1.65 -6.60 21.95
C GLY C 77 -2.63 -5.50 21.62
N ASP C 78 -3.24 -4.90 22.63
CA ASP C 78 -4.17 -3.80 22.38
C ASP C 78 -3.41 -2.56 21.95
N ASP C 79 -4.06 -1.77 21.10
CA ASP C 79 -3.50 -0.51 20.67
C ASP C 79 -4.67 0.44 20.40
N PRO C 80 -4.79 1.49 21.20
CA PRO C 80 -5.84 2.43 20.92
C PRO C 80 -5.80 2.96 19.50
N MET C 81 -4.60 3.06 18.90
CA MET C 81 -4.52 3.53 17.52
C MET C 81 -5.32 2.60 16.61
N LEU C 82 -5.24 1.30 16.85
CA LEU C 82 -5.99 0.34 16.02
C LEU C 82 -7.48 0.55 16.13
N LEU C 83 -7.95 0.94 17.33
CA LEU C 83 -9.38 1.14 17.56
C LEU C 83 -9.82 2.42 16.91
N ALA C 84 -9.11 3.49 17.18
CA ALA C 84 -9.44 4.79 16.60
C ALA C 84 -9.50 4.74 15.07
N TYR C 85 -8.54 4.01 14.50
CA TYR C 85 -8.45 3.80 13.04
C TYR C 85 -9.70 3.16 12.45
N LEU C 86 -10.21 2.14 13.13
CA LEU C 86 -11.48 1.52 12.81
C LEU C 86 -12.74 2.41 13.02
N LEU C 87 -12.77 3.27 14.04
CA LEU C 87 -13.86 4.26 14.14
C LEU C 87 -13.86 5.24 12.96
N ASP C 88 -12.67 5.75 12.64
CA ASP C 88 -12.51 6.75 11.58
C ASP C 88 -11.02 6.68 11.11
N PRO C 89 -10.78 6.20 9.87
CA PRO C 89 -9.42 5.97 9.40
C PRO C 89 -8.68 7.26 9.10
N SER C 90 -9.30 8.40 9.34
CA SER C 90 -8.54 9.63 9.34
C SER C 90 -7.78 9.77 10.67
N ASN C 91 -8.01 8.87 11.64
CA ASN C 91 -7.21 8.80 12.86
C ASN C 91 -5.92 8.04 12.60
N THR C 92 -4.87 8.76 12.19
CA THR C 92 -3.60 8.11 11.78
C THR C 92 -2.45 8.23 12.76
N THR C 93 -2.41 9.29 13.56
CA THR C 93 -1.27 9.59 14.43
C THR C 93 -1.72 9.77 15.89
N PRO C 94 -0.84 9.51 16.85
CA PRO C 94 -1.26 9.64 18.26
C PRO C 94 -1.42 11.12 18.74
N GLU C 95 -0.58 12.02 18.23
CA GLU C 95 -0.87 13.45 18.30
C GLU C 95 -2.40 13.65 18.13
N GLY C 96 -2.92 13.27 16.96
CA GLY C 96 -4.33 13.50 16.59
C GLY C 96 -5.35 12.69 17.38
N VAL C 97 -5.05 11.41 17.59
CA VAL C 97 -5.94 10.55 18.36
C VAL C 97 -6.02 10.97 19.81
N ALA C 98 -4.92 11.49 20.34
CA ALA C 98 -4.94 12.03 21.68
C ALA C 98 -5.76 13.31 21.67
N ARG C 99 -5.37 14.26 20.82
CA ARG C 99 -6.01 15.59 20.82
C ARG C 99 -7.41 15.57 20.21
N ARG C 100 -8.00 14.37 20.10
CA ARG C 100 -9.40 14.21 19.72
C ARG C 100 -10.19 13.46 20.79
N TYR C 101 -9.56 12.50 21.47
CA TYR C 101 -10.25 11.66 22.47
C TYR C 101 -9.72 11.85 23.90
N GLY C 102 -9.22 13.04 24.21
CA GLY C 102 -9.04 13.44 25.62
C GLY C 102 -7.67 13.37 26.26
N GLY C 103 -6.61 13.46 25.44
CA GLY C 103 -5.24 13.47 25.97
C GLY C 103 -4.29 14.42 25.25
N GLU C 104 -3.03 14.37 25.63
CA GLU C 104 -2.00 15.11 24.91
C GLU C 104 -0.83 14.16 24.74
N TRP C 105 -0.44 13.95 23.48
CA TRP C 105 0.72 13.14 23.14
C TRP C 105 1.97 13.96 23.46
N THR C 106 2.72 13.49 24.45
CA THR C 106 3.96 14.14 24.91
C THR C 106 5.17 13.31 24.53
N GLU C 107 6.35 13.88 24.72
CA GLU C 107 7.61 13.17 24.51
C GLU C 107 8.14 12.59 25.81
N GLU C 108 7.24 12.06 26.66
CA GLU C 108 7.62 11.48 27.95
C GLU C 108 6.90 10.12 28.15
N ALA C 109 7.70 9.08 28.41
CA ALA C 109 7.24 7.69 28.58
C ALA C 109 6.05 7.44 29.52
N GLY C 110 6.05 8.11 30.68
CA GLY C 110 4.98 7.91 31.68
C GLY C 110 3.65 8.50 31.25
N GLU C 111 3.69 9.75 30.81
CA GLU C 111 2.54 10.41 30.21
C GLU C 111 2.03 9.71 28.93
N ARG C 112 2.93 9.09 28.16
CA ARG C 112 2.54 8.21 27.04
C ARG C 112 1.83 6.93 27.50
N ALA C 113 2.24 6.39 28.64
CA ALA C 113 1.54 5.25 29.25
C ALA C 113 0.22 5.70 29.91
N ALA C 114 0.24 6.90 30.52
CA ALA C 114 -0.95 7.48 31.15
C ALA C 114 -1.98 7.86 30.11
N LEU C 115 -1.49 8.25 28.94
CA LEU C 115 -2.32 8.55 27.79
C LEU C 115 -2.95 7.27 27.24
N SER C 116 -2.16 6.21 27.18
CA SER C 116 -2.64 4.93 26.66
C SER C 116 -3.87 4.41 27.40
N GLU C 117 -3.74 4.22 28.70
CA GLU C 117 -4.84 3.68 29.50
C GLU C 117 -6.08 4.50 29.25
N ARG C 118 -5.89 5.82 29.30
CA ARG C 118 -6.95 6.80 29.19
C ARG C 118 -7.61 6.78 27.81
N LEU C 119 -6.79 6.83 26.77
CA LEU C 119 -7.27 6.73 25.40
C LEU C 119 -7.95 5.40 25.14
N PHE C 120 -7.40 4.31 25.66
CA PHE C 120 -7.97 3.01 25.33
C PHE C 120 -9.36 2.90 25.93
N ALA C 121 -9.47 3.21 27.22
CA ALA C 121 -10.77 3.28 27.89
C ALA C 121 -11.80 4.02 27.04
N ASN C 122 -11.58 5.32 26.85
CA ASN C 122 -12.47 6.22 26.09
C ASN C 122 -12.83 5.74 24.67
N LEU C 123 -12.05 4.80 24.12
CA LEU C 123 -12.25 4.27 22.75
C LEU C 123 -12.92 2.89 22.68
N TRP C 124 -12.60 2.00 23.61
CA TRP C 124 -13.16 0.63 23.58
C TRP C 124 -14.68 0.64 23.88
N GLY C 125 -15.10 1.58 24.72
CA GLY C 125 -16.48 1.85 24.96
C GLY C 125 -17.11 2.65 23.83
N ARG C 126 -16.39 3.64 23.28
CA ARG C 126 -16.80 4.27 22.02
C ARG C 126 -17.04 3.25 20.87
N LEU C 127 -16.57 2.01 21.03
CA LEU C 127 -16.89 0.89 20.11
C LEU C 127 -18.02 -0.04 20.62
N GLU C 128 -18.91 0.48 21.47
CA GLU C 128 -20.08 -0.27 21.93
C GLU C 128 -21.07 -0.57 20.80
N GLY C 129 -21.42 -1.85 20.65
CA GLY C 129 -22.40 -2.23 19.65
C GLY C 129 -21.95 -1.95 18.23
N GLU C 130 -20.65 -1.96 18.01
CA GLU C 130 -20.10 -1.96 16.66
C GLU C 130 -19.57 -3.36 16.39
N GLU C 131 -20.47 -4.33 16.52
CA GLU C 131 -20.15 -5.75 16.33
C GLU C 131 -19.15 -5.94 15.20
N ARG C 132 -19.39 -5.21 14.12
CA ARG C 132 -18.64 -5.38 12.87
C ARG C 132 -17.19 -4.92 12.97
N LEU C 133 -16.99 -3.72 13.51
CA LEU C 133 -15.67 -3.15 13.76
C LEU C 133 -14.95 -3.78 14.94
N LEU C 134 -15.68 -4.48 15.80
CA LEU C 134 -15.08 -5.23 16.89
C LEU C 134 -14.62 -6.55 16.33
N TRP C 135 -15.35 -7.08 15.37
CA TRP C 135 -14.89 -8.30 14.74
C TRP C 135 -13.61 -8.00 13.96
N LEU C 136 -13.56 -6.82 13.36
CA LEU C 136 -12.40 -6.42 12.57
C LEU C 136 -11.18 -6.24 13.46
N TYR C 137 -11.37 -5.71 14.66
CA TYR C 137 -10.26 -5.48 15.60
C TYR C 137 -9.74 -6.73 16.25
N ARG C 138 -10.59 -7.73 16.38
CA ARG C 138 -10.23 -8.94 17.09
C ARG C 138 -9.68 -9.99 16.16
N GLU C 139 -10.33 -10.15 15.02
CA GLU C 139 -10.01 -11.25 14.12
C GLU C 139 -9.20 -10.79 12.89
N VAL C 140 -8.72 -9.55 12.91
CA VAL C 140 -7.96 -8.99 11.79
C VAL C 140 -6.83 -8.12 12.27
N GLU C 141 -7.15 -6.96 12.85
CA GLU C 141 -6.13 -5.92 13.11
C GLU C 141 -5.17 -6.16 14.28
N ARG C 142 -5.69 -6.52 15.46
CA ARG C 142 -4.80 -6.86 16.60
C ARG C 142 -3.85 -8.03 16.24
N PRO C 143 -4.40 -9.17 15.81
CA PRO C 143 -3.48 -10.22 15.37
C PRO C 143 -2.49 -9.77 14.30
N LEU C 144 -2.95 -9.00 13.31
CA LEU C 144 -2.06 -8.58 12.23
C LEU C 144 -0.91 -7.72 12.74
N SER C 145 -1.16 -6.91 13.77
CA SER C 145 -0.10 -6.09 14.33
C SER C 145 1.13 -6.91 14.75
N ALA C 146 0.89 -8.17 15.13
CA ALA C 146 1.96 -9.10 15.50
C ALA C 146 2.68 -9.58 14.26
N VAL C 147 1.92 -10.11 13.32
CA VAL C 147 2.44 -10.58 12.05
C VAL C 147 3.37 -9.51 11.42
N LEU C 148 2.97 -8.25 11.53
CA LEU C 148 3.68 -7.16 10.90
C LEU C 148 4.97 -6.88 11.64
N ALA C 149 4.94 -7.07 12.96
CA ALA C 149 6.11 -6.90 13.78
C ALA C 149 7.14 -7.98 13.43
N HIS C 150 6.71 -9.23 13.26
CA HIS C 150 7.60 -10.30 12.78
C HIS C 150 8.16 -10.01 11.39
N MET C 151 7.32 -9.55 10.47
CA MET C 151 7.80 -9.25 9.10
C MET C 151 8.84 -8.13 9.16
N GLU C 152 8.49 -7.02 9.79
CA GLU C 152 9.38 -5.88 9.92
C GLU C 152 10.76 -6.23 10.47
N ALA C 153 10.84 -7.19 11.41
CA ALA C 153 12.12 -7.57 12.08
C ALA C 153 12.94 -8.54 11.26
N THR C 154 12.29 -9.39 10.48
CA THR C 154 12.95 -10.34 9.63
C THR C 154 13.72 -9.61 8.55
N GLY C 155 13.03 -8.76 7.81
CA GLY C 155 13.59 -7.98 6.74
C GLY C 155 13.72 -8.79 5.48
N VAL C 156 14.18 -8.15 4.41
CA VAL C 156 14.42 -8.84 3.16
C VAL C 156 15.91 -8.69 2.78
N ARG C 157 16.47 -9.74 2.19
CA ARG C 157 17.89 -9.72 1.83
C ARG C 157 18.14 -9.04 0.49
N LEU C 158 19.21 -8.26 0.48
CA LEU C 158 19.55 -7.47 -0.68
C LEU C 158 20.98 -7.68 -1.23
N ASP C 159 21.10 -7.78 -2.54
CA ASP C 159 22.43 -7.85 -3.18
C ASP C 159 23.08 -6.44 -3.36
N VAL C 160 23.88 -6.03 -2.39
CA VAL C 160 24.51 -4.70 -2.40
C VAL C 160 25.51 -4.52 -3.56
N ALA C 161 26.50 -5.40 -3.61
CA ALA C 161 27.51 -5.39 -4.68
C ALA C 161 26.84 -5.27 -6.04
N TYR C 162 25.75 -6.00 -6.22
CA TYR C 162 25.00 -5.93 -7.48
C TYR C 162 24.48 -4.50 -7.72
N LEU C 163 23.83 -3.93 -6.70
CA LEU C 163 23.31 -2.57 -6.78
C LEU C 163 24.41 -1.53 -7.02
N ARG C 164 25.57 -1.73 -6.37
CA ARG C 164 26.66 -0.76 -6.52
C ARG C 164 27.22 -0.78 -7.93
N ALA C 165 27.27 -1.95 -8.56
CA ALA C 165 27.70 -2.04 -9.96
C ALA C 165 26.69 -1.37 -10.89
N LEU C 166 25.40 -1.57 -10.64
CA LEU C 166 24.35 -0.85 -11.35
C LEU C 166 24.57 0.67 -11.28
N SER C 167 24.80 1.17 -10.07
CA SER C 167 24.91 2.59 -9.82
C SER C 167 25.94 3.17 -10.76
N LEU C 168 27.06 2.47 -10.92
CA LEU C 168 28.13 2.87 -11.85
C LEU C 168 27.72 2.78 -13.34
N GLU C 169 26.97 1.74 -13.74
CA GLU C 169 26.43 1.66 -15.12
C GLU C 169 25.51 2.87 -15.39
N VAL C 170 24.40 2.91 -14.66
CA VAL C 170 23.37 3.95 -14.79
C VAL C 170 23.98 5.36 -14.68
N ALA C 171 24.93 5.56 -13.77
CA ALA C 171 25.61 6.84 -13.70
C ALA C 171 26.08 7.28 -15.07
N GLU C 172 26.67 6.32 -15.80
CA GLU C 172 27.30 6.59 -17.08
C GLU C 172 26.28 6.82 -18.17
N GLU C 173 25.18 6.06 -18.15
CA GLU C 173 24.13 6.27 -19.15
C GLU C 173 23.47 7.65 -18.91
N ILE C 174 23.25 8.02 -17.64
CA ILE C 174 22.75 9.35 -17.29
C ILE C 174 23.64 10.42 -17.91
N ALA C 175 24.94 10.31 -17.70
CA ALA C 175 25.91 11.25 -18.25
C ALA C 175 25.80 11.51 -19.76
N ARG C 176 25.54 10.45 -20.54
CA ARG C 176 25.37 10.60 -22.00
C ARG C 176 24.12 11.38 -22.37
N LEU C 177 22.98 11.02 -21.75
CA LEU C 177 21.70 11.72 -21.99
C LEU C 177 21.77 13.20 -21.58
N GLU C 178 22.34 13.43 -20.42
CA GLU C 178 22.61 14.75 -19.94
C GLU C 178 23.30 15.55 -21.04
N ALA C 179 24.40 15.05 -21.57
CA ALA C 179 25.22 15.81 -22.52
C ALA C 179 24.59 15.87 -23.91
N GLU C 180 23.81 14.86 -24.26
CA GLU C 180 22.91 15.00 -25.39
C GLU C 180 22.03 16.23 -25.22
N VAL C 181 21.20 16.24 -24.17
CA VAL C 181 20.16 17.27 -24.04
C VAL C 181 20.74 18.69 -24.02
N PHE C 182 21.90 18.85 -23.41
CA PHE C 182 22.52 20.16 -23.29
C PHE C 182 22.89 20.68 -24.67
N ARG C 183 23.55 19.84 -25.45
CA ARG C 183 23.89 20.14 -26.83
C ARG C 183 22.62 20.60 -27.55
N LEU C 184 21.51 19.88 -27.36
CA LEU C 184 20.22 20.30 -27.95
C LEU C 184 19.68 21.63 -27.39
N ALA C 185 19.88 21.85 -26.10
CA ALA C 185 19.53 23.13 -25.51
C ALA C 185 20.47 24.25 -25.96
N GLY C 186 21.64 23.88 -26.49
CA GLY C 186 22.66 24.82 -26.88
C GLY C 186 23.39 25.36 -25.66
N HIS C 187 23.13 24.76 -24.50
CA HIS C 187 23.80 25.14 -23.25
C HIS C 187 23.44 24.12 -22.18
N PRO C 188 24.29 24.01 -21.15
CA PRO C 188 23.90 23.21 -19.99
C PRO C 188 23.03 23.94 -18.95
N PHE C 189 22.11 23.17 -18.37
CA PHE C 189 21.28 23.62 -17.27
C PHE C 189 21.02 22.41 -16.37
N ASN C 190 20.54 22.66 -15.17
CA ASN C 190 20.17 21.58 -14.25
C ASN C 190 18.91 20.88 -14.73
N LEU C 191 19.06 19.69 -15.30
CA LEU C 191 17.93 18.88 -15.72
C LEU C 191 17.04 18.32 -14.60
N ASN C 192 17.51 18.37 -13.36
CA ASN C 192 16.66 17.99 -12.22
C ASN C 192 15.71 19.11 -11.82
N SER C 193 15.94 20.30 -12.37
CA SER C 193 15.16 21.47 -12.05
C SER C 193 14.07 21.64 -13.07
N ARG C 194 12.84 21.38 -12.64
CA ARG C 194 11.66 21.50 -13.53
C ARG C 194 11.36 22.95 -13.87
N ASP C 195 11.70 23.88 -12.99
CA ASP C 195 11.63 25.31 -13.38
C ASP C 195 12.52 25.56 -14.58
N GLN C 196 13.80 25.21 -14.46
CA GLN C 196 14.77 25.45 -15.51
C GLN C 196 14.38 24.69 -16.78
N LEU C 197 14.01 23.43 -16.66
CA LEU C 197 13.50 22.71 -17.82
C LEU C 197 12.32 23.44 -18.50
N GLU C 198 11.41 24.00 -17.70
CA GLU C 198 10.22 24.69 -18.22
C GLU C 198 10.62 25.78 -19.17
N ARG C 199 11.53 26.64 -18.74
CA ARG C 199 12.08 27.74 -19.53
C ARG C 199 12.74 27.26 -20.79
N VAL C 200 13.50 26.17 -20.67
CA VAL C 200 14.20 25.59 -21.83
C VAL C 200 13.17 25.12 -22.82
N LEU C 201 12.21 24.35 -22.35
CA LEU C 201 11.28 23.72 -23.24
C LEU C 201 10.41 24.75 -23.93
N PHE C 202 9.79 25.63 -23.15
CA PHE C 202 8.67 26.41 -23.66
C PHE C 202 9.03 27.83 -24.10
N ASP C 203 9.96 28.49 -23.38
CA ASP C 203 10.46 29.80 -23.79
C ASP C 203 11.58 29.65 -24.83
N GLU C 204 12.76 29.19 -24.39
CA GLU C 204 13.93 29.04 -25.27
C GLU C 204 13.64 28.25 -26.54
N LEU C 205 13.42 26.96 -26.43
CA LEU C 205 12.83 26.20 -27.54
C LEU C 205 11.40 26.70 -27.75
N GLY C 206 10.79 26.42 -28.89
CA GLY C 206 9.49 27.03 -29.19
C GLY C 206 8.27 26.21 -28.82
N LEU C 207 8.44 25.23 -27.93
CA LEU C 207 7.46 24.14 -27.79
C LEU C 207 6.12 24.52 -27.12
N PRO C 208 5.04 23.81 -27.48
CA PRO C 208 3.71 24.12 -26.94
C PRO C 208 3.44 23.60 -25.52
N ALA C 209 2.94 24.47 -24.66
CA ALA C 209 2.60 24.12 -23.28
C ALA C 209 1.22 23.50 -23.27
N ILE C 210 1.12 22.31 -22.72
CA ILE C 210 -0.10 21.51 -22.79
C ILE C 210 -0.99 21.70 -21.57
N GLY C 211 -0.38 21.67 -20.41
CA GLY C 211 -1.08 21.82 -19.14
C GLY C 211 -0.28 22.59 -18.11
N LYS C 212 -0.92 22.84 -16.97
CA LYS C 212 -0.40 23.69 -15.91
C LYS C 212 -0.46 22.98 -14.59
N THR C 213 0.44 23.33 -13.69
CA THR C 213 0.55 22.69 -12.39
C THR C 213 -0.55 23.21 -11.46
N GLU C 214 -0.93 22.41 -10.47
CA GLU C 214 -2.09 22.65 -9.63
C GLU C 214 -1.92 23.86 -8.66
N LYS C 215 -0.99 23.74 -7.73
CA LYS C 215 -0.80 24.80 -6.76
C LYS C 215 -0.27 26.15 -7.31
N THR C 216 0.70 26.16 -8.23
CA THR C 216 1.35 27.43 -8.60
C THR C 216 1.07 27.90 -10.02
N GLY C 217 0.55 27.02 -10.87
CA GLY C 217 0.15 27.41 -12.21
C GLY C 217 1.28 27.57 -13.19
N LYS C 218 2.38 26.85 -12.99
CA LYS C 218 3.48 26.81 -13.96
C LYS C 218 3.18 25.81 -15.06
N ARG C 219 3.80 26.01 -16.22
CA ARG C 219 3.69 25.07 -17.32
C ARG C 219 4.28 23.70 -16.91
N SER C 220 3.44 22.67 -16.94
CA SER C 220 3.84 21.34 -16.50
C SER C 220 4.83 20.67 -17.45
N THR C 221 5.82 20.00 -16.86
CA THR C 221 6.78 19.15 -17.58
C THR C 221 6.63 17.67 -17.16
N SER C 222 5.39 17.23 -16.99
CA SER C 222 5.14 15.90 -16.47
C SER C 222 5.34 14.91 -17.60
N ALA C 223 5.23 13.63 -17.28
CA ALA C 223 5.33 12.58 -18.28
C ALA C 223 4.22 12.75 -19.33
N ALA C 224 2.97 12.83 -18.88
CA ALA C 224 1.82 12.96 -19.78
C ALA C 224 1.95 14.12 -20.77
N VAL C 225 2.61 15.20 -20.34
CA VAL C 225 2.87 16.35 -21.19
C VAL C 225 4.04 16.10 -22.14
N LEU C 226 5.10 15.48 -21.62
CA LEU C 226 6.28 15.10 -22.43
C LEU C 226 6.01 13.94 -23.39
N GLU C 227 5.17 12.99 -22.98
CA GLU C 227 4.80 11.89 -23.86
C GLU C 227 3.96 12.46 -25.02
N ALA C 228 3.19 13.51 -24.76
CA ALA C 228 2.40 14.19 -25.79
C ALA C 228 3.24 15.08 -26.72
N LEU C 229 4.41 15.50 -26.27
CA LEU C 229 5.36 16.21 -27.15
C LEU C 229 6.50 15.32 -27.66
N ARG C 230 6.32 13.99 -27.66
CA ARG C 230 7.30 13.05 -28.25
C ARG C 230 7.62 13.39 -29.69
N GLU C 231 6.59 13.63 -30.48
CA GLU C 231 6.75 13.86 -31.92
C GLU C 231 7.47 15.18 -32.15
N ALA C 232 7.11 16.18 -31.37
CA ALA C 232 7.51 17.57 -31.62
C ALA C 232 9.00 17.84 -31.55
N HIS C 233 9.76 17.02 -30.82
CA HIS C 233 11.20 17.30 -30.65
C HIS C 233 11.98 16.08 -30.14
N PRO C 234 13.24 15.93 -30.58
CA PRO C 234 14.07 14.82 -30.13
C PRO C 234 14.71 15.01 -28.73
N ILE C 235 14.57 16.18 -28.13
CA ILE C 235 15.02 16.43 -26.75
C ILE C 235 14.09 15.76 -25.74
N VAL C 236 12.83 15.59 -26.12
CA VAL C 236 11.80 15.11 -25.21
C VAL C 236 12.02 13.64 -24.84
N GLU C 237 12.37 12.82 -25.82
CA GLU C 237 12.60 11.40 -25.57
C GLU C 237 13.77 11.27 -24.60
N LYS C 238 14.76 12.13 -24.78
CA LYS C 238 15.96 12.07 -23.97
C LYS C 238 15.63 12.44 -22.56
N ILE C 239 14.89 13.54 -22.39
CA ILE C 239 14.43 13.95 -21.08
C ILE C 239 13.60 12.86 -20.40
N LEU C 240 12.73 12.21 -21.14
CA LEU C 240 11.96 11.10 -20.59
C LEU C 240 12.87 9.99 -20.10
N GLN C 241 13.84 9.64 -20.92
CA GLN C 241 14.82 8.62 -20.54
C GLN C 241 15.61 9.01 -19.31
N TYR C 242 15.98 10.28 -19.20
CA TYR C 242 16.81 10.76 -18.10
C TYR C 242 16.05 10.76 -16.76
N ARG C 243 14.77 11.05 -16.83
CA ARG C 243 13.85 10.93 -15.69
C ARG C 243 13.72 9.47 -15.23
N GLU C 244 13.50 8.55 -16.17
CA GLU C 244 13.47 7.12 -15.86
C GLU C 244 14.69 6.72 -15.04
N LEU C 245 15.88 7.04 -15.56
CA LEU C 245 17.14 6.62 -14.93
C LEU C 245 17.37 7.30 -13.57
N THR C 246 17.20 8.63 -13.53
CA THR C 246 17.51 9.37 -12.30
C THR C 246 16.48 9.07 -11.19
N LYS C 247 15.22 8.89 -11.56
CA LYS C 247 14.22 8.42 -10.61
C LYS C 247 14.71 7.11 -9.96
N LEU C 248 14.92 6.08 -10.78
CA LEU C 248 15.44 4.80 -10.27
C LEU C 248 16.83 4.88 -9.64
N LYS C 249 17.70 5.75 -10.12
CA LYS C 249 18.97 5.85 -9.41
C LYS C 249 18.77 6.49 -8.04
N SER C 250 18.06 7.62 -7.99
CA SER C 250 17.97 8.42 -6.75
C SER C 250 17.06 7.78 -5.73
N THR C 251 16.05 7.05 -6.17
CA THR C 251 15.10 6.47 -5.24
C THR C 251 15.47 5.07 -4.76
N TYR C 252 16.04 4.23 -5.61
CA TYR C 252 16.25 2.84 -5.25
C TYR C 252 17.70 2.41 -5.20
N ILE C 253 18.40 2.63 -6.29
CA ILE C 253 19.72 2.05 -6.49
C ILE C 253 20.67 2.68 -5.51
N ASP C 254 20.70 4.00 -5.51
CA ASP C 254 21.62 4.68 -4.58
C ASP C 254 21.32 4.47 -3.09
N PRO C 255 20.08 4.76 -2.62
CA PRO C 255 19.89 4.71 -1.16
C PRO C 255 19.67 3.33 -0.52
N LEU C 256 19.04 2.40 -1.21
CA LEU C 256 18.70 1.12 -0.58
C LEU C 256 19.93 0.42 0.04
N PRO C 257 21.00 0.18 -0.75
CA PRO C 257 22.25 -0.40 -0.22
C PRO C 257 22.75 0.20 1.10
N ASP C 258 22.55 1.50 1.34
CA ASP C 258 22.97 2.10 2.62
C ASP C 258 22.04 1.81 3.79
N LEU C 259 20.93 1.11 3.55
CA LEU C 259 19.94 0.93 4.62
C LEU C 259 19.96 -0.49 5.13
N ILE C 260 20.95 -1.25 4.67
CA ILE C 260 21.27 -2.55 5.24
C ILE C 260 21.64 -2.35 6.70
N HIS C 261 21.21 -3.29 7.53
CA HIS C 261 21.30 -3.18 8.95
C HIS C 261 22.45 -4.04 9.45
N PRO C 262 23.37 -3.44 10.25
CA PRO C 262 24.58 -4.15 10.68
C PRO C 262 24.28 -5.52 11.36
N ARG C 263 23.29 -5.56 12.23
CA ARG C 263 22.92 -6.80 12.92
C ARG C 263 22.38 -7.90 11.98
N THR C 264 21.73 -7.54 10.88
CA THR C 264 21.02 -8.52 10.03
C THR C 264 21.56 -8.71 8.61
N GLY C 265 22.20 -7.68 8.07
CA GLY C 265 22.51 -7.66 6.65
C GLY C 265 21.24 -7.76 5.82
N ARG C 266 20.17 -7.13 6.33
CA ARG C 266 18.87 -7.15 5.69
C ARG C 266 18.22 -5.76 5.65
N LEU C 267 17.28 -5.54 4.73
CA LEU C 267 16.49 -4.30 4.68
C LEU C 267 15.22 -4.43 5.50
N HIS C 268 14.89 -3.43 6.31
CA HIS C 268 13.69 -3.48 7.14
C HIS C 268 12.76 -2.30 6.90
N THR C 269 11.61 -2.56 6.30
CA THR C 269 10.61 -1.53 6.17
C THR C 269 9.87 -1.38 7.46
N ARG C 270 8.99 -0.39 7.45
CA ARG C 270 7.89 -0.26 8.38
C ARG C 270 6.59 -0.49 7.64
N PHE C 271 5.73 -1.33 8.21
CA PHE C 271 4.37 -1.51 7.71
C PHE C 271 3.35 -0.74 8.55
N ASN C 272 3.00 0.46 8.12
CA ASN C 272 2.09 1.30 8.87
C ASN C 272 0.65 0.78 8.76
N GLN C 273 0.00 0.67 9.92
CA GLN C 273 -1.29 -0.02 10.02
C GLN C 273 -2.47 0.91 10.14
N THR C 274 -2.20 2.17 10.47
CA THR C 274 -3.23 3.17 10.59
C THR C 274 -2.82 4.41 9.83
N ALA C 275 -2.53 4.24 8.55
CA ALA C 275 -1.99 5.31 7.73
C ALA C 275 -2.82 5.70 6.49
N THR C 276 -3.83 4.92 6.12
CA THR C 276 -4.61 5.20 4.92
C THR C 276 -6.16 5.22 5.10
N ALA C 277 -6.87 5.87 4.18
CA ALA C 277 -8.33 6.04 4.28
C ALA C 277 -9.14 4.77 3.93
N THR C 278 -8.49 3.77 3.35
CA THR C 278 -9.18 2.57 2.89
C THR C 278 -8.95 1.31 3.74
N GLY C 279 -8.00 1.37 4.66
CA GLY C 279 -7.52 0.18 5.35
C GLY C 279 -6.49 -0.67 4.62
N ARG C 280 -5.82 -0.10 3.62
CA ARG C 280 -4.61 -0.76 3.09
C ARG C 280 -3.48 -0.50 4.08
N LEU C 281 -2.42 -1.29 3.99
CA LEU C 281 -1.16 -0.91 4.65
C LEU C 281 -0.45 0.09 3.73
N SER C 282 0.42 0.88 4.32
CA SER C 282 1.48 1.56 3.59
C SER C 282 2.83 1.02 4.08
N SER C 283 3.89 1.31 3.34
CA SER C 283 5.23 0.89 3.68
C SER C 283 6.22 2.10 3.64
N SER C 284 7.21 2.09 4.53
CA SER C 284 7.92 3.31 4.87
C SER C 284 9.37 3.07 5.36
N ASP C 285 10.26 4.01 5.09
CA ASP C 285 11.59 4.04 5.71
C ASP C 285 12.38 2.73 5.60
N PRO C 286 12.55 2.19 4.39
CA PRO C 286 12.11 2.66 3.08
C PRO C 286 10.79 2.03 2.70
N ASN C 287 10.20 2.47 1.60
CA ASN C 287 9.02 1.87 1.04
C ASN C 287 9.49 0.79 0.11
N LEU C 288 9.09 -0.44 0.44
CA LEU C 288 9.30 -1.61 -0.39
C LEU C 288 8.03 -2.02 -1.13
N GLN C 289 6.96 -1.26 -0.94
CA GLN C 289 5.75 -1.47 -1.74
C GLN C 289 5.77 -0.78 -3.13
N ASN C 290 6.79 0.03 -3.40
CA ASN C 290 6.91 0.61 -4.74
C ASN C 290 8.25 0.32 -5.44
N ILE C 291 8.83 -0.83 -5.16
CA ILE C 291 10.04 -1.28 -5.87
C ILE C 291 9.63 -1.53 -7.31
N PRO C 292 10.43 -1.05 -8.30
CA PRO C 292 10.06 -1.09 -9.72
C PRO C 292 9.87 -2.48 -10.31
N VAL C 293 9.15 -2.54 -11.44
CA VAL C 293 8.95 -3.80 -12.18
C VAL C 293 8.52 -3.68 -13.67
N ARG C 294 8.06 -2.51 -14.10
CA ARG C 294 7.70 -2.26 -15.51
C ARG C 294 8.89 -2.18 -16.48
N THR C 295 9.90 -1.39 -16.16
CA THR C 295 10.95 -1.10 -17.11
C THR C 295 12.12 -2.04 -16.97
N PRO C 296 12.99 -2.11 -18.00
CA PRO C 296 14.13 -3.03 -17.92
C PRO C 296 15.02 -2.72 -16.73
N LEU C 297 15.54 -1.49 -16.66
CA LEU C 297 16.38 -1.05 -15.52
C LEU C 297 15.66 -1.28 -14.22
N GLY C 298 14.36 -1.01 -14.26
CA GLY C 298 13.49 -1.31 -13.14
C GLY C 298 13.57 -2.76 -12.74
N GLN C 299 13.42 -3.65 -13.72
CA GLN C 299 13.45 -5.11 -13.49
C GLN C 299 14.81 -5.58 -12.97
N ARG C 300 15.88 -4.92 -13.38
CA ARG C 300 17.22 -5.23 -12.87
C ARG C 300 17.38 -4.89 -11.39
N ILE C 301 16.80 -3.77 -10.95
CA ILE C 301 16.77 -3.40 -9.51
C ILE C 301 16.09 -4.49 -8.65
N ARG C 302 14.96 -4.99 -9.16
CA ARG C 302 14.19 -6.01 -8.48
C ARG C 302 14.98 -7.35 -8.27
N ARG C 303 15.92 -7.66 -9.17
CA ARG C 303 16.81 -8.82 -8.97
C ARG C 303 17.64 -8.68 -7.73
N ALA C 304 17.92 -7.44 -7.33
CA ALA C 304 18.69 -7.22 -6.12
C ALA C 304 18.04 -7.83 -4.87
N PHE C 305 16.72 -8.05 -4.92
CA PHE C 305 16.00 -8.62 -3.78
C PHE C 305 16.06 -10.13 -3.89
N ILE C 306 16.70 -10.75 -2.90
CA ILE C 306 17.04 -12.17 -2.97
C ILE C 306 16.75 -12.86 -1.67
N ALA C 307 16.75 -14.20 -1.72
CA ALA C 307 16.64 -15.03 -0.55
C ALA C 307 18.01 -15.24 0.12
N GLU C 308 17.98 -15.42 1.45
CA GLU C 308 19.07 -16.07 2.20
C GLU C 308 19.58 -17.27 1.40
N GLU C 309 20.84 -17.64 1.60
CA GLU C 309 21.41 -18.78 0.87
C GLU C 309 20.83 -20.06 1.44
N GLY C 310 20.45 -20.96 0.54
CA GLY C 310 19.75 -22.19 0.91
C GLY C 310 18.25 -22.08 0.89
N TRP C 311 17.73 -20.87 0.67
CA TRP C 311 16.29 -20.61 0.64
C TRP C 311 15.84 -20.25 -0.77
N LEU C 312 14.55 -19.96 -0.91
CA LEU C 312 13.99 -19.33 -2.08
C LEU C 312 12.94 -18.28 -1.69
N LEU C 313 12.55 -17.46 -2.67
CA LEU C 313 11.42 -16.56 -2.53
C LEU C 313 10.21 -17.21 -3.14
N VAL C 314 9.07 -17.02 -2.49
CA VAL C 314 7.78 -17.38 -3.05
C VAL C 314 6.95 -16.11 -3.14
N ALA C 315 6.59 -15.74 -4.36
CA ALA C 315 5.75 -14.58 -4.61
C ALA C 315 4.35 -15.05 -4.96
N LEU C 316 3.36 -14.58 -4.21
CA LEU C 316 1.94 -14.89 -4.47
C LEU C 316 1.13 -13.62 -4.73
N ASP C 317 0.49 -13.59 -5.90
CA ASP C 317 -0.25 -12.45 -6.41
C ASP C 317 -1.73 -12.80 -6.66
N TYR C 318 -2.65 -12.07 -6.03
CA TYR C 318 -4.08 -12.11 -6.39
C TYR C 318 -4.28 -11.57 -7.79
N SER C 319 -5.25 -12.11 -8.48
CA SER C 319 -5.41 -11.82 -9.88
C SER C 319 -6.73 -11.07 -10.02
N GLN C 320 -6.64 -9.78 -10.27
CA GLN C 320 -7.80 -8.90 -10.33
C GLN C 320 -8.68 -9.02 -9.10
N ILE C 321 -8.09 -9.02 -7.91
CA ILE C 321 -8.92 -9.13 -6.74
C ILE C 321 -10.01 -8.05 -6.77
N GLU C 322 -9.69 -6.82 -7.19
CA GLU C 322 -10.68 -5.72 -7.10
C GLU C 322 -11.90 -5.88 -7.98
N LEU C 323 -11.71 -6.36 -9.21
CA LEU C 323 -12.86 -6.69 -10.08
C LEU C 323 -13.73 -7.74 -9.43
N ARG C 324 -13.11 -8.84 -9.02
CA ARG C 324 -13.80 -9.92 -8.31
C ARG C 324 -14.56 -9.41 -7.10
N VAL C 325 -13.95 -8.50 -6.35
CA VAL C 325 -14.58 -7.91 -5.20
C VAL C 325 -15.83 -7.15 -5.66
N LEU C 326 -15.68 -6.41 -6.76
CA LEU C 326 -16.79 -5.63 -7.32
C LEU C 326 -17.93 -6.57 -7.65
N ALA C 327 -17.62 -7.58 -8.47
CA ALA C 327 -18.56 -8.63 -8.82
C ALA C 327 -19.26 -9.19 -7.59
N HIS C 328 -18.53 -9.45 -6.52
CA HIS C 328 -19.17 -9.98 -5.34
C HIS C 328 -20.15 -8.95 -4.78
N LEU C 329 -19.65 -7.76 -4.45
CA LEU C 329 -20.42 -6.60 -3.90
C LEU C 329 -21.64 -6.15 -4.73
N SER C 330 -21.45 -5.99 -6.03
CA SER C 330 -22.53 -5.60 -6.93
C SER C 330 -23.57 -6.71 -7.10
N GLY C 331 -23.11 -7.96 -7.11
CA GLY C 331 -23.99 -9.11 -7.27
C GLY C 331 -24.40 -9.25 -8.72
N ASP C 332 -23.68 -8.57 -9.61
CA ASP C 332 -24.00 -8.61 -11.03
C ASP C 332 -23.80 -10.03 -11.56
N GLU C 333 -24.90 -10.78 -11.62
CA GLU C 333 -24.92 -12.14 -12.19
C GLU C 333 -24.01 -12.29 -13.39
N ASN C 334 -24.11 -11.34 -14.31
CA ASN C 334 -23.33 -11.34 -15.55
C ASN C 334 -21.82 -11.38 -15.27
N LEU C 335 -21.41 -10.52 -14.35
CA LEU C 335 -20.01 -10.30 -14.05
C LEU C 335 -19.39 -11.45 -13.28
N ILE C 336 -20.15 -12.05 -12.36
CA ILE C 336 -19.62 -13.17 -11.55
C ILE C 336 -19.48 -14.47 -12.36
N ARG C 337 -20.33 -14.66 -13.38
CA ARG C 337 -20.18 -15.78 -14.31
C ARG C 337 -18.88 -15.70 -15.10
N VAL C 338 -18.35 -14.48 -15.29
CA VAL C 338 -17.07 -14.29 -16.00
C VAL C 338 -15.88 -14.83 -15.18
N PHE C 339 -16.04 -14.86 -13.86
CA PHE C 339 -15.02 -15.40 -12.96
C PHE C 339 -15.29 -16.85 -12.55
N GLN C 340 -16.56 -17.25 -12.49
CA GLN C 340 -16.91 -18.64 -12.18
C GLN C 340 -16.53 -19.55 -13.34
N GLU C 341 -16.76 -19.06 -14.55
CA GLU C 341 -16.42 -19.82 -15.75
C GLU C 341 -14.91 -19.90 -15.96
N GLY C 342 -14.12 -19.21 -15.13
CA GLY C 342 -12.66 -19.24 -15.23
C GLY C 342 -12.17 -18.56 -16.50
N ARG C 343 -12.82 -17.47 -16.85
CA ARG C 343 -12.57 -16.79 -18.12
C ARG C 343 -11.70 -15.53 -17.93
N ASP C 344 -11.13 -15.04 -19.03
CA ASP C 344 -10.25 -13.86 -19.01
C ASP C 344 -11.03 -12.53 -19.05
N ILE C 345 -11.47 -12.10 -17.87
CA ILE C 345 -12.31 -10.91 -17.69
C ILE C 345 -12.39 -9.96 -18.88
N HIS C 346 -11.24 -9.50 -19.36
CA HIS C 346 -11.17 -8.42 -20.35
C HIS C 346 -11.53 -8.93 -21.76
N THR C 347 -11.16 -10.16 -22.06
CA THR C 347 -11.66 -10.86 -23.24
C THR C 347 -13.19 -10.85 -23.24
N GLU C 348 -13.76 -11.42 -22.20
CA GLU C 348 -15.20 -11.57 -22.09
C GLU C 348 -15.92 -10.24 -22.02
N THR C 349 -15.33 -9.26 -21.32
CA THR C 349 -15.92 -7.93 -21.18
C THR C 349 -16.00 -7.20 -22.52
N ALA C 350 -14.95 -7.34 -23.33
CA ALA C 350 -14.97 -6.82 -24.69
C ALA C 350 -16.08 -7.50 -25.48
N SER C 351 -16.06 -8.83 -25.46
CA SER C 351 -17.05 -9.64 -26.17
C SER C 351 -18.49 -9.54 -25.62
N TRP C 352 -18.71 -8.62 -24.67
CA TRP C 352 -20.05 -8.33 -24.17
C TRP C 352 -20.51 -6.89 -24.50
N MET C 353 -19.59 -5.92 -24.45
CA MET C 353 -19.89 -4.53 -24.82
C MET C 353 -20.24 -4.42 -26.30
N PHE C 354 -19.36 -4.96 -27.14
CA PHE C 354 -19.62 -5.06 -28.58
C PHE C 354 -20.55 -6.24 -28.83
N GLY C 355 -20.36 -7.33 -28.08
CA GLY C 355 -21.18 -8.53 -28.21
C GLY C 355 -20.76 -9.35 -29.40
N VAL C 356 -19.45 -9.38 -29.68
CA VAL C 356 -18.93 -10.07 -30.85
C VAL C 356 -19.22 -11.56 -30.72
N PRO C 357 -19.59 -12.22 -31.84
CA PRO C 357 -19.78 -13.67 -31.85
C PRO C 357 -18.67 -14.43 -31.11
N ARG C 358 -19.02 -15.05 -29.98
CA ARG C 358 -18.08 -15.80 -29.16
C ARG C 358 -16.91 -14.92 -28.69
N GLU C 359 -15.68 -15.42 -28.81
CA GLU C 359 -14.48 -14.62 -28.58
C GLU C 359 -13.61 -14.75 -29.82
N ALA C 360 -13.52 -13.68 -30.61
CA ALA C 360 -12.75 -13.72 -31.85
C ALA C 360 -12.41 -12.33 -32.38
N VAL C 361 -11.16 -12.17 -32.83
CA VAL C 361 -10.67 -10.95 -33.53
C VAL C 361 -10.81 -9.65 -32.72
N ASP C 362 -10.18 -9.59 -31.55
CA ASP C 362 -10.32 -8.45 -30.62
C ASP C 362 -8.98 -7.91 -30.07
N PRO C 363 -8.03 -7.53 -30.95
CA PRO C 363 -6.76 -7.05 -30.39
C PRO C 363 -6.86 -5.67 -29.73
N LEU C 364 -7.60 -4.77 -30.37
CA LEU C 364 -7.75 -3.38 -29.90
C LEU C 364 -8.99 -3.20 -29.01
N MET C 365 -9.84 -4.22 -28.93
CA MET C 365 -10.97 -4.24 -28.00
C MET C 365 -10.54 -4.77 -26.63
N ARG C 366 -9.48 -5.60 -26.59
CA ARG C 366 -8.94 -6.11 -25.34
C ARG C 366 -8.45 -4.94 -24.47
N ARG C 367 -7.70 -4.04 -25.09
CA ARG C 367 -7.27 -2.79 -24.46
C ARG C 367 -8.49 -1.97 -24.02
N ALA C 368 -9.52 -1.95 -24.86
CA ALA C 368 -10.74 -1.18 -24.63
C ALA C 368 -11.57 -1.64 -23.40
N ALA C 369 -11.63 -2.95 -23.18
CA ALA C 369 -12.37 -3.51 -22.03
C ALA C 369 -11.53 -3.51 -20.77
N LYS C 370 -10.25 -3.85 -20.90
CA LYS C 370 -9.30 -3.73 -19.79
C LYS C 370 -9.41 -2.33 -19.13
N THR C 371 -9.30 -1.30 -19.98
CA THR C 371 -9.21 0.10 -19.55
C THR C 371 -10.47 0.57 -18.82
N ILE C 372 -11.64 0.30 -19.40
CA ILE C 372 -12.92 0.60 -18.76
C ILE C 372 -13.02 -0.15 -17.42
N ASN C 373 -12.59 -1.40 -17.39
CA ASN C 373 -12.82 -2.27 -16.24
C ASN C 373 -12.10 -1.88 -14.97
N PHE C 374 -10.99 -1.17 -15.11
CA PHE C 374 -10.34 -0.53 -13.97
C PHE C 374 -10.80 0.93 -13.82
N GLY C 375 -11.18 1.55 -14.94
CA GLY C 375 -11.72 2.91 -14.92
C GLY C 375 -13.13 3.07 -14.33
N VAL C 376 -13.85 1.98 -14.11
CA VAL C 376 -15.06 2.06 -13.31
C VAL C 376 -14.69 2.13 -11.82
N LEU C 377 -13.56 1.53 -11.44
CA LEU C 377 -13.10 1.51 -10.05
C LEU C 377 -12.59 2.85 -9.56
N TYR C 378 -11.99 3.62 -10.47
CA TYR C 378 -11.40 4.90 -10.10
C TYR C 378 -12.29 6.09 -10.48
N GLY C 379 -13.43 5.79 -11.10
CA GLY C 379 -14.31 6.81 -11.70
C GLY C 379 -13.72 7.47 -12.94
N MET C 380 -12.96 6.69 -13.73
CA MET C 380 -12.40 7.18 -15.00
C MET C 380 -13.49 7.80 -15.86
N SER C 381 -13.20 8.99 -16.38
CA SER C 381 -14.19 9.79 -17.11
C SER C 381 -14.04 9.58 -18.61
N ALA C 382 -15.07 9.99 -19.35
CA ALA C 382 -15.10 9.84 -20.80
C ALA C 382 -13.87 10.44 -21.47
N HIS C 383 -13.58 11.70 -21.16
CA HIS C 383 -12.42 12.40 -21.74
C HIS C 383 -11.16 11.57 -21.57
N ARG C 384 -10.95 11.10 -20.34
CA ARG C 384 -9.76 10.35 -19.98
C ARG C 384 -9.75 9.04 -20.77
N LEU C 385 -10.92 8.43 -20.89
CA LEU C 385 -11.09 7.23 -21.70
C LEU C 385 -10.76 7.51 -23.17
N SER C 386 -11.31 8.63 -23.68
CA SER C 386 -11.03 9.13 -25.04
C SER C 386 -9.56 9.46 -25.26
N GLN C 387 -8.86 9.86 -24.21
CA GLN C 387 -7.46 10.22 -24.30
C GLN C 387 -6.55 8.99 -24.32
N GLU C 388 -6.98 7.89 -23.70
CA GLU C 388 -6.14 6.67 -23.64
C GLU C 388 -6.34 5.78 -24.86
N LEU C 389 -7.58 5.59 -25.28
CA LEU C 389 -7.87 5.19 -26.66
C LEU C 389 -7.55 6.42 -27.50
N ALA C 390 -7.36 6.28 -28.81
CA ALA C 390 -7.15 7.45 -29.68
C ALA C 390 -8.47 8.08 -30.13
N ILE C 391 -9.58 7.59 -29.59
CA ILE C 391 -10.94 7.87 -30.10
C ILE C 391 -11.61 9.02 -29.31
N PRO C 392 -12.63 9.67 -29.91
CA PRO C 392 -13.09 10.95 -29.38
C PRO C 392 -14.14 10.90 -28.25
N TYR C 393 -14.28 12.02 -27.54
CA TYR C 393 -15.27 12.21 -26.47
C TYR C 393 -16.66 12.23 -27.07
N GLU C 394 -17.24 11.04 -27.23
CA GLU C 394 -18.49 10.84 -27.95
C GLU C 394 -18.68 9.35 -28.13
N GLU C 395 -17.74 8.73 -28.85
CA GLU C 395 -17.66 7.28 -28.93
C GLU C 395 -17.31 6.68 -27.56
N ALA C 396 -16.41 7.36 -26.82
CA ALA C 396 -16.00 6.93 -25.47
C ALA C 396 -17.15 6.92 -24.47
N GLN C 397 -18.03 7.92 -24.53
CA GLN C 397 -19.23 7.92 -23.71
C GLN C 397 -20.04 6.65 -23.94
N ALA C 398 -20.29 6.32 -25.20
CA ALA C 398 -21.05 5.12 -25.59
C ALA C 398 -20.42 3.83 -25.06
N PHE C 399 -19.09 3.79 -25.03
CA PHE C 399 -18.37 2.67 -24.39
C PHE C 399 -18.82 2.53 -22.95
N ILE C 400 -18.83 3.66 -22.23
CA ILE C 400 -19.28 3.69 -20.84
C ILE C 400 -20.75 3.23 -20.69
N GLU C 401 -21.66 3.73 -21.54
CA GLU C 401 -23.08 3.32 -21.43
C GLU C 401 -23.27 1.87 -21.86
N ARG C 402 -22.48 1.43 -22.84
CA ARG C 402 -22.50 0.03 -23.29
C ARG C 402 -22.12 -0.88 -22.12
N TYR C 403 -20.96 -0.62 -21.54
CA TYR C 403 -20.44 -1.36 -20.38
C TYR C 403 -21.47 -1.50 -19.27
N PHE C 404 -22.28 -0.47 -19.03
CA PHE C 404 -23.33 -0.53 -18.02
C PHE C 404 -24.58 -1.28 -18.50
N GLN C 405 -24.78 -1.39 -19.81
CA GLN C 405 -25.79 -2.34 -20.32
C GLN C 405 -25.27 -3.75 -20.10
N SER C 406 -24.02 -4.00 -20.45
CA SER C 406 -23.40 -5.28 -20.08
C SER C 406 -23.62 -5.56 -18.58
N PHE C 407 -23.37 -4.57 -17.73
CA PHE C 407 -23.24 -4.80 -16.29
C PHE C 407 -24.15 -3.91 -15.41
N PRO C 408 -25.49 -4.04 -15.56
CA PRO C 408 -26.45 -3.13 -14.90
C PRO C 408 -26.44 -3.06 -13.38
N LYS C 409 -26.00 -4.14 -12.71
CA LYS C 409 -25.95 -4.14 -11.23
C LYS C 409 -24.71 -3.42 -10.65
N VAL C 410 -23.68 -3.24 -11.48
CA VAL C 410 -22.54 -2.38 -11.15
C VAL C 410 -23.01 -0.94 -10.89
N ARG C 411 -23.76 -0.39 -11.85
CA ARG C 411 -24.35 0.96 -11.77
C ARG C 411 -25.25 1.10 -10.55
N ALA C 412 -26.10 0.10 -10.34
CA ALA C 412 -26.98 0.13 -9.20
C ALA C 412 -26.19 0.06 -7.88
N TRP C 413 -25.07 -0.66 -7.87
CA TRP C 413 -24.24 -0.72 -6.65
C TRP C 413 -23.56 0.64 -6.42
N LEU C 414 -22.92 1.12 -7.47
CA LEU C 414 -22.42 2.49 -7.52
C LEU C 414 -23.37 3.50 -6.87
N GLU C 415 -24.56 3.66 -7.45
CA GLU C 415 -25.53 4.64 -7.00
C GLU C 415 -26.00 4.37 -5.57
N LYS C 416 -26.18 3.10 -5.23
CA LYS C 416 -26.61 2.74 -3.88
C LYS C 416 -25.57 3.16 -2.84
N THR C 417 -24.30 3.03 -3.18
CA THR C 417 -23.23 3.34 -2.21
C THR C 417 -23.20 4.85 -1.99
N LEU C 418 -23.14 5.58 -3.09
CA LEU C 418 -23.33 7.02 -3.05
C LEU C 418 -24.51 7.48 -2.19
N GLU C 419 -25.69 6.90 -2.37
CA GLU C 419 -26.81 7.40 -1.60
C GLU C 419 -26.66 7.04 -0.13
N GLU C 420 -26.21 5.83 0.19
CA GLU C 420 -26.06 5.47 1.62
C GLU C 420 -24.92 6.26 2.27
N GLY C 421 -23.91 6.58 1.45
CA GLY C 421 -22.85 7.48 1.87
C GLY C 421 -23.37 8.83 2.35
N ARG C 422 -24.12 9.50 1.49
CA ARG C 422 -24.80 10.77 1.84
C ARG C 422 -25.69 10.67 3.09
N ARG C 423 -26.49 9.61 3.12
CA ARG C 423 -27.34 9.24 4.25
C ARG C 423 -26.53 9.08 5.54
N ARG C 424 -25.71 8.04 5.63
CA ARG C 424 -24.96 7.78 6.87
C ARG C 424 -23.72 8.67 7.05
N GLY C 425 -23.24 9.31 5.99
CA GLY C 425 -22.05 10.15 6.07
C GLY C 425 -20.71 9.39 5.94
N TYR C 426 -20.79 8.09 5.63
CA TYR C 426 -19.66 7.25 5.38
C TYR C 426 -20.06 6.15 4.44
N VAL C 427 -19.06 5.50 3.85
CA VAL C 427 -19.22 4.23 3.13
C VAL C 427 -18.41 3.15 3.86
N GLU C 428 -18.55 1.88 3.44
CA GLU C 428 -18.00 0.76 4.22
C GLU C 428 -17.64 -0.44 3.37
N THR C 429 -16.72 -1.29 3.89
CA THR C 429 -16.26 -2.52 3.17
C THR C 429 -17.21 -3.64 3.44
N LEU C 430 -16.96 -4.81 2.86
CA LEU C 430 -17.77 -6.00 3.16
C LEU C 430 -17.68 -6.40 4.64
N PHE C 431 -16.61 -6.00 5.33
CA PHE C 431 -16.48 -6.35 6.71
C PHE C 431 -16.88 -5.22 7.62
N GLY C 432 -17.42 -4.17 7.01
CA GLY C 432 -17.94 -3.02 7.75
C GLY C 432 -16.91 -2.00 8.19
N ARG C 433 -15.77 -1.98 7.51
CA ARG C 433 -14.78 -0.95 7.73
C ARG C 433 -15.32 0.31 7.08
N ARG C 434 -15.37 1.42 7.80
CA ARG C 434 -15.94 2.64 7.23
C ARG C 434 -14.93 3.79 6.98
N ARG C 435 -15.30 4.65 6.03
CA ARG C 435 -14.54 5.85 5.70
C ARG C 435 -15.59 6.90 5.52
N TYR C 436 -15.53 7.94 6.35
CA TYR C 436 -16.45 9.08 6.30
C TYR C 436 -16.07 9.99 5.15
N VAL C 437 -17.05 10.32 4.31
CA VAL C 437 -16.77 11.11 3.13
C VAL C 437 -17.79 12.21 3.10
N PRO C 438 -17.58 13.24 3.91
CA PRO C 438 -18.60 14.27 4.11
C PRO C 438 -18.82 15.24 2.93
N ASP C 439 -17.96 15.22 1.92
CA ASP C 439 -18.14 16.12 0.78
C ASP C 439 -19.05 15.56 -0.29
N LEU C 440 -19.69 14.43 -0.01
CA LEU C 440 -20.63 13.83 -0.92
C LEU C 440 -21.85 14.78 -1.16
N GLU C 441 -22.07 15.71 -0.24
CA GLU C 441 -23.14 16.69 -0.33
C GLU C 441 -22.64 18.15 -0.46
N ALA C 442 -21.43 18.30 -0.99
CA ALA C 442 -20.84 19.61 -1.24
C ALA C 442 -21.51 20.23 -2.44
N ARG C 443 -21.53 21.56 -2.40
CA ARG C 443 -22.22 22.41 -3.35
C ARG C 443 -21.40 22.69 -4.58
N VAL C 444 -20.10 22.40 -4.54
CA VAL C 444 -19.25 22.56 -5.70
C VAL C 444 -19.07 21.19 -6.32
N LYS C 445 -19.29 21.12 -7.63
CA LYS C 445 -19.44 19.86 -8.33
C LYS C 445 -18.13 19.13 -8.36
N SER C 446 -17.07 19.84 -8.70
CA SER C 446 -15.73 19.26 -8.77
C SER C 446 -15.39 18.56 -7.46
N VAL C 447 -15.67 19.21 -6.34
CA VAL C 447 -15.31 18.61 -5.09
C VAL C 447 -16.29 17.50 -4.75
N ARG C 448 -17.54 17.63 -5.14
CA ARG C 448 -18.52 16.58 -4.88
C ARG C 448 -18.15 15.34 -5.67
N GLU C 449 -17.87 15.52 -6.94
CA GLU C 449 -17.59 14.41 -7.82
C GLU C 449 -16.24 13.76 -7.48
N ALA C 450 -15.29 14.56 -7.00
CA ALA C 450 -14.07 14.04 -6.41
C ALA C 450 -14.43 13.19 -5.21
N ALA C 451 -15.35 13.66 -4.39
CA ALA C 451 -15.75 12.90 -3.22
C ALA C 451 -16.38 11.54 -3.61
N GLU C 452 -17.09 11.51 -4.73
CA GLU C 452 -17.81 10.34 -5.16
C GLU C 452 -16.88 9.23 -5.61
N ARG C 453 -15.87 9.58 -6.38
CA ARG C 453 -14.82 8.63 -6.71
C ARG C 453 -14.15 8.02 -5.44
N MET C 454 -13.72 8.88 -4.52
CA MET C 454 -13.21 8.41 -3.24
C MET C 454 -14.19 7.45 -2.60
N ALA C 455 -15.46 7.84 -2.61
CA ALA C 455 -16.52 7.17 -1.87
C ALA C 455 -16.79 5.74 -2.37
N PHE C 456 -16.81 5.55 -3.69
CA PHE C 456 -17.13 4.22 -4.24
C PHE C 456 -15.95 3.33 -4.62
N ASN C 457 -14.74 3.88 -4.49
CA ASN C 457 -13.56 3.06 -4.60
C ASN C 457 -13.34 2.37 -3.27
N MET C 458 -13.62 3.08 -2.19
CA MET C 458 -13.26 2.59 -0.88
C MET C 458 -13.83 1.20 -0.60
N PRO C 459 -15.14 1.00 -0.78
CA PRO C 459 -15.62 -0.37 -0.52
C PRO C 459 -14.86 -1.44 -1.29
N VAL C 460 -14.40 -1.17 -2.50
CA VAL C 460 -13.66 -2.22 -3.20
C VAL C 460 -12.22 -2.29 -2.74
N GLN C 461 -11.55 -1.16 -2.56
CA GLN C 461 -10.13 -1.18 -2.22
C GLN C 461 -9.92 -1.71 -0.82
N GLY C 462 -10.73 -1.21 0.10
CA GLY C 462 -10.79 -1.70 1.48
C GLY C 462 -11.19 -3.15 1.63
N THR C 463 -12.05 -3.67 0.75
CA THR C 463 -12.43 -5.09 0.84
C THR C 463 -11.27 -5.97 0.35
N ALA C 464 -10.60 -5.55 -0.71
CA ALA C 464 -9.34 -6.19 -1.15
C ALA C 464 -8.28 -6.19 -0.03
N ALA C 465 -8.28 -5.13 0.78
CA ALA C 465 -7.33 -4.96 1.84
C ALA C 465 -7.71 -5.86 3.00
N ASP C 466 -8.97 -5.76 3.38
CA ASP C 466 -9.52 -6.61 4.40
C ASP C 466 -9.17 -8.04 4.06
N LEU C 467 -9.49 -8.48 2.85
CA LEU C 467 -9.21 -9.85 2.42
C LEU C 467 -7.73 -10.23 2.50
N MET C 468 -6.84 -9.32 2.16
CA MET C 468 -5.41 -9.59 2.21
C MET C 468 -4.91 -9.68 3.66
N LYS C 469 -5.42 -8.84 4.54
CA LYS C 469 -4.94 -8.79 5.90
C LYS C 469 -5.36 -10.04 6.64
N LEU C 470 -6.59 -10.48 6.41
CA LEU C 470 -7.13 -11.67 7.05
C LEU C 470 -6.35 -12.90 6.62
N ALA C 471 -6.01 -12.95 5.33
CA ALA C 471 -5.11 -13.98 4.80
C ALA C 471 -3.76 -13.96 5.51
N MET C 472 -3.19 -12.78 5.70
CA MET C 472 -1.89 -12.70 6.40
C MET C 472 -2.00 -13.26 7.82
N VAL C 473 -3.08 -12.88 8.50
CA VAL C 473 -3.40 -13.41 9.82
C VAL C 473 -3.52 -14.92 9.82
N LYS C 474 -4.22 -15.47 8.82
CA LYS C 474 -4.44 -16.92 8.72
C LYS C 474 -3.18 -17.68 8.32
N LEU C 475 -2.43 -17.11 7.37
CA LEU C 475 -1.31 -17.81 6.76
C LEU C 475 -0.11 -17.89 7.69
N PHE C 476 0.17 -16.79 8.37
CA PHE C 476 1.40 -16.66 9.15
C PHE C 476 1.70 -17.85 10.08
N PRO C 477 0.79 -18.18 11.02
CA PRO C 477 1.12 -19.29 11.93
C PRO C 477 1.39 -20.61 11.22
N ARG C 478 0.79 -20.82 10.05
CA ARG C 478 1.14 -21.97 9.22
C ARG C 478 2.59 -21.91 8.67
N LEU C 479 3.10 -20.70 8.41
CA LEU C 479 4.47 -20.51 7.95
C LEU C 479 5.50 -20.72 9.07
N GLU C 480 5.17 -20.24 10.25
CA GLU C 480 5.99 -20.41 11.44
C GLU C 480 6.12 -21.90 11.78
N GLU C 481 4.98 -22.60 11.88
CA GLU C 481 4.99 -24.06 12.04
C GLU C 481 5.70 -24.79 10.90
N MET C 482 6.25 -24.04 9.93
CA MET C 482 6.91 -24.65 8.79
C MET C 482 8.31 -24.07 8.60
N GLY C 483 8.78 -23.33 9.60
CA GLY C 483 9.97 -22.49 9.49
C GLY C 483 10.10 -21.71 8.17
N ALA C 484 8.99 -21.21 7.63
CA ALA C 484 9.00 -20.28 6.52
C ALA C 484 8.82 -18.88 7.07
N ARG C 485 9.15 -17.87 6.28
CA ARG C 485 8.97 -16.48 6.72
C ARG C 485 8.05 -15.74 5.76
N MET C 486 7.50 -14.66 6.28
CA MET C 486 6.67 -13.76 5.50
C MET C 486 7.46 -12.46 5.44
N LEU C 487 7.86 -12.06 4.23
CA LEU C 487 8.73 -10.90 4.06
C LEU C 487 8.01 -9.59 3.75
N LEU C 488 7.24 -9.57 2.65
CA LEU C 488 6.53 -8.36 2.30
C LEU C 488 5.10 -8.65 1.84
N GLN C 489 4.30 -7.60 1.94
CA GLN C 489 2.98 -7.52 1.36
C GLN C 489 3.01 -6.32 0.45
N VAL C 490 2.45 -6.44 -0.75
CA VAL C 490 2.34 -5.31 -1.67
C VAL C 490 0.92 -5.18 -2.17
N HIS C 491 0.06 -4.88 -1.20
CA HIS C 491 -1.37 -4.67 -1.39
C HIS C 491 -2.12 -5.93 -1.81
N ASP C 492 -1.89 -6.43 -3.02
CA ASP C 492 -2.52 -7.67 -3.43
C ASP C 492 -1.50 -8.75 -3.81
N GLU C 493 -0.27 -8.60 -3.34
CA GLU C 493 0.67 -9.70 -3.43
C GLU C 493 1.41 -9.92 -2.13
N LEU C 494 1.98 -11.11 -1.99
CA LEU C 494 2.77 -11.45 -0.81
C LEU C 494 4.08 -12.07 -1.23
N VAL C 495 5.14 -11.64 -0.59
CA VAL C 495 6.44 -12.23 -0.80
C VAL C 495 6.84 -12.94 0.48
N LEU C 496 7.05 -14.24 0.34
CA LEU C 496 7.48 -15.14 1.41
C LEU C 496 8.86 -15.67 1.08
N GLU C 497 9.58 -16.06 2.12
CA GLU C 497 10.86 -16.71 1.99
C GLU C 497 10.77 -18.09 2.60
N ALA C 498 11.27 -19.11 1.91
CA ALA C 498 11.22 -20.50 2.41
C ALA C 498 12.46 -21.33 2.05
N PRO C 499 12.77 -22.35 2.87
CA PRO C 499 13.89 -23.23 2.56
C PRO C 499 13.74 -24.01 1.25
N LYS C 500 14.83 -24.12 0.50
CA LYS C 500 14.84 -24.75 -0.83
C LYS C 500 14.08 -26.06 -0.89
N GLU C 501 14.23 -26.90 0.14
CA GLU C 501 13.56 -28.20 0.20
C GLU C 501 12.02 -28.05 0.24
N ARG C 502 11.52 -27.28 1.20
CA ARG C 502 10.07 -27.12 1.37
C ARG C 502 9.38 -26.06 0.48
N ALA C 503 10.13 -25.36 -0.37
CA ALA C 503 9.60 -24.20 -1.09
C ALA C 503 8.32 -24.46 -1.89
N GLU C 504 8.27 -25.56 -2.62
CA GLU C 504 7.05 -25.93 -3.36
C GLU C 504 5.89 -26.22 -2.40
N ALA C 505 6.21 -26.86 -1.27
CA ALA C 505 5.20 -27.19 -0.26
C ALA C 505 4.65 -25.98 0.46
N VAL C 506 5.43 -24.92 0.54
CA VAL C 506 4.99 -23.64 1.12
C VAL C 506 4.11 -22.90 0.10
N ALA C 507 4.53 -22.95 -1.16
CA ALA C 507 3.82 -22.27 -2.23
C ALA C 507 2.39 -22.74 -2.26
N ARG C 508 2.24 -24.06 -2.39
CA ARG C 508 0.92 -24.70 -2.38
C ARG C 508 0.11 -24.28 -1.16
N LEU C 509 0.73 -24.28 0.01
CA LEU C 509 0.00 -23.96 1.23
C LEU C 509 -0.48 -22.51 1.18
N ALA C 510 0.46 -21.62 0.82
CA ALA C 510 0.21 -20.19 0.80
C ALA C 510 -0.87 -19.83 -0.21
N LYS C 511 -0.75 -20.36 -1.41
CA LYS C 511 -1.72 -20.14 -2.45
C LYS C 511 -3.13 -20.51 -2.00
N GLU C 512 -3.30 -21.74 -1.50
CA GLU C 512 -4.61 -22.23 -1.13
C GLU C 512 -5.18 -21.42 -0.02
N VAL C 513 -4.35 -21.03 0.95
CA VAL C 513 -4.86 -20.22 2.06
C VAL C 513 -5.41 -18.85 1.60
N MET C 514 -4.86 -18.35 0.50
CA MET C 514 -5.19 -17.04 -0.04
C MET C 514 -6.43 -17.10 -0.94
N GLU C 515 -6.49 -18.11 -1.82
CA GLU C 515 -7.70 -18.37 -2.64
C GLU C 515 -8.94 -18.69 -1.75
N GLY C 516 -8.73 -19.22 -0.55
CA GLY C 516 -9.81 -19.62 0.34
C GLY C 516 -10.00 -18.76 1.58
N VAL C 517 -9.27 -17.65 1.70
CA VAL C 517 -9.42 -16.75 2.87
C VAL C 517 -10.85 -16.44 3.35
N TYR C 518 -11.77 -16.21 2.41
CA TYR C 518 -13.16 -15.82 2.72
C TYR C 518 -14.01 -15.90 1.48
N PRO C 519 -14.50 -17.11 1.13
CA PRO C 519 -15.04 -17.35 -0.23
C PRO C 519 -16.25 -16.48 -0.62
N LEU C 520 -16.32 -16.15 -1.90
CA LEU C 520 -17.25 -15.17 -2.41
C LEU C 520 -18.01 -15.74 -3.59
N ALA C 521 -19.13 -15.10 -3.89
CA ALA C 521 -19.86 -15.37 -5.13
C ALA C 521 -18.96 -15.49 -6.38
N VAL C 522 -17.70 -15.04 -6.31
CA VAL C 522 -16.69 -15.47 -7.30
C VAL C 522 -15.54 -16.16 -6.58
N PRO C 523 -14.72 -16.88 -7.33
CA PRO C 523 -13.52 -17.41 -6.69
C PRO C 523 -12.37 -16.40 -6.75
N LEU C 524 -11.52 -16.44 -5.73
CA LEU C 524 -10.22 -15.76 -5.76
C LEU C 524 -9.19 -16.63 -6.48
N GLU C 525 -8.49 -16.07 -7.47
CA GLU C 525 -7.38 -16.77 -8.11
C GLU C 525 -6.06 -16.15 -7.68
N VAL C 526 -5.03 -16.99 -7.55
CA VAL C 526 -3.70 -16.57 -7.09
C VAL C 526 -2.63 -17.17 -8.00
N GLU C 527 -1.78 -16.34 -8.57
CA GLU C 527 -0.58 -16.85 -9.23
C GLU C 527 0.56 -16.99 -8.24
N VAL C 528 1.44 -17.96 -8.49
CA VAL C 528 2.57 -18.26 -7.59
C VAL C 528 3.82 -18.53 -8.40
N GLY C 529 4.92 -17.95 -7.98
CA GLY C 529 6.19 -18.28 -8.59
C GLY C 529 7.19 -18.55 -7.50
N ILE C 530 8.30 -19.16 -7.88
CA ILE C 530 9.39 -19.46 -6.96
C ILE C 530 10.72 -19.02 -7.61
N GLY C 531 11.70 -18.63 -6.79
CA GLY C 531 12.92 -18.04 -7.31
C GLY C 531 13.94 -17.53 -6.28
N GLU C 532 15.18 -17.42 -6.75
CA GLU C 532 16.27 -16.93 -5.93
C GLU C 532 16.10 -15.41 -5.74
N ASP C 533 15.50 -14.75 -6.73
CA ASP C 533 15.18 -13.32 -6.62
C ASP C 533 13.71 -13.01 -6.91
N TRP C 534 13.32 -11.80 -6.50
CA TRP C 534 11.95 -11.30 -6.66
C TRP C 534 11.54 -11.27 -8.13
N LEU C 535 12.43 -10.84 -9.01
CA LEU C 535 12.12 -10.79 -10.45
C LEU C 535 11.86 -12.20 -10.95
N SER C 536 12.85 -13.09 -10.77
CA SER C 536 12.77 -14.52 -11.10
C SER C 536 11.52 -15.17 -10.53
N ALA C 537 11.22 -14.88 -9.27
CA ALA C 537 10.09 -15.49 -8.62
C ALA C 537 8.79 -15.27 -9.41
N LYS C 538 8.83 -14.37 -10.40
CA LYS C 538 7.82 -14.28 -11.46
C LYS C 538 6.56 -13.61 -10.92
N GLU C 539 6.76 -12.50 -10.21
CA GLU C 539 5.68 -11.80 -9.49
C GLU C 539 4.40 -11.63 -10.30
MG MG D . 1.01 -8.15 -9.23
#